data_5KH1
#
_entry.id   5KH1
#
_cell.length_a   56.316
_cell.length_b   80.058
_cell.length_c   298.346
_cell.angle_alpha   90.00
_cell.angle_beta   90.00
_cell.angle_gamma   90.00
#
_symmetry.space_group_name_H-M   'C 2 2 21'
#
_entity_poly.entity_id   1
_entity_poly.type   'polypeptide(L)'
_entity_poly.pdbx_seq_one_letter_code
;GPLGSPEFMLPTNNNHRLISNSFSTYSIDTSRAYENYLTHWTEWKNNRIQEEQRDIAFQRLVSCLQNQETNLDLSELGLT
TLPEIPPGIKSINISKNNLSLISPLPASLTQLNVSYNRLIELPALPQGLKLLNASHNQLITLPTLPISLKELHVSNNQLC
SLPVLPELLETLDVSCNGLAVLPPLPFSLQEISAIGNLLSELPPLPHNIHSIWAIDNMLTDIPYLPENLRNGYFDINQIS
HIPESILNLRNECSIDISDNPLSSHALQSLQRLTSSPDYHGPQIYFSMSDGQQNTLHRPLADAVTAWFPENKQSDVSQIW
HAFEHEEHANTFSAFLDRLSDTVSARNTSGFREQVAAWLEKLSASAELRQQSFAVAADATESCEDRVALTWNNLRKTLLV
HQASEGLFDNDTGALLSLGREMFRLEILEDIARDKVRTLHFVDEIEVYLAFQTMLAEKLQLSTAVKEMRFYGVSGVTAND
LRTAEAMVRSREENEFTDWFSLWGPWHAVLKRTEADRWAQAEEQKYEMLENEYPQRVADRLKASGLSGDADAEREAGAQV
MRETEQQIYRQLTDEVLALRLPENGSQLHHS
;
_entity_poly.pdbx_strand_id   A
#
# COMPACT_ATOMS: atom_id res chain seq x y z
N THR A 30 13.30 38.18 47.08
CA THR A 30 13.45 39.37 46.26
C THR A 30 12.72 39.22 44.93
N SER A 31 11.38 39.32 44.92
CA SER A 31 10.65 39.33 43.65
C SER A 31 10.99 40.66 43.01
N ARG A 32 10.82 40.73 41.70
CA ARG A 32 11.29 41.85 40.91
C ARG A 32 10.80 43.21 41.40
N ALA A 33 11.75 44.13 41.50
CA ALA A 33 11.44 45.53 41.72
C ALA A 33 11.78 46.22 40.40
N TYR A 34 11.67 47.55 40.34
CA TYR A 34 12.06 48.25 39.13
C TYR A 34 13.59 48.31 38.95
N GLU A 35 14.27 48.89 39.94
CA GLU A 35 15.69 49.20 39.81
C GLU A 35 16.48 47.93 39.78
N ASN A 36 15.93 46.87 40.37
CA ASN A 36 16.63 45.58 40.47
C ASN A 36 17.06 45.11 39.09
N TYR A 37 16.20 45.34 38.09
CA TYR A 37 16.53 45.02 36.71
C TYR A 37 17.72 45.85 36.29
N LEU A 38 17.59 47.13 36.60
CA LEU A 38 18.45 48.18 36.07
C LEU A 38 19.92 47.94 36.39
N THR A 39 20.21 47.69 37.66
CA THR A 39 21.56 47.34 38.08
C THR A 39 22.02 46.03 37.39
N HIS A 40 21.18 45.01 37.39
CA HIS A 40 21.58 43.74 36.80
C HIS A 40 21.83 43.87 35.30
N TRP A 41 21.00 44.64 34.59
CA TRP A 41 21.21 44.85 33.17
C TRP A 41 22.58 45.44 32.86
N THR A 42 22.96 46.47 33.61
CA THR A 42 24.21 47.17 33.37
C THR A 42 25.36 46.19 33.52
N GLU A 43 25.24 45.29 34.49
CA GLU A 43 26.25 44.26 34.69
C GLU A 43 26.32 43.36 33.45
N TRP A 44 25.20 43.20 32.76
CA TRP A 44 25.17 42.32 31.61
C TRP A 44 25.78 42.92 30.35
N LYS A 45 25.69 44.24 30.21
CA LYS A 45 26.25 44.90 29.04
C LYS A 45 27.75 45.02 29.18
N ASN A 46 28.22 45.44 30.36
CA ASN A 46 29.61 45.81 30.49
C ASN A 46 30.47 44.56 30.62
N ASN A 47 30.06 43.63 31.47
CA ASN A 47 30.85 42.43 31.62
C ASN A 47 30.70 41.65 30.32
N ARG A 48 31.82 41.17 29.79
CA ARG A 48 31.90 40.48 28.50
C ARG A 48 31.27 41.19 27.32
N ILE A 49 31.67 42.43 27.07
CA ILE A 49 31.43 42.97 25.74
C ILE A 49 32.27 42.16 24.76
N GLN A 50 31.64 41.82 23.64
CA GLN A 50 32.37 41.49 22.45
C GLN A 50 32.75 42.83 21.88
N GLU A 51 33.19 42.86 20.64
CA GLU A 51 33.58 44.11 20.02
C GLU A 51 32.53 45.21 20.15
N GLU A 52 31.25 44.87 19.96
CA GLU A 52 30.15 45.83 20.08
C GLU A 52 28.91 45.40 20.89
N GLN A 53 28.20 44.38 20.39
CA GLN A 53 26.73 44.22 20.56
C GLN A 53 26.13 44.00 21.94
N ARG A 54 26.94 43.76 22.96
CA ARG A 54 26.42 43.61 24.30
C ARG A 54 25.52 44.77 24.74
N ASP A 55 26.09 45.96 24.72
CA ASP A 55 25.48 47.15 25.29
C ASP A 55 24.27 47.67 24.50
N ILE A 56 24.24 47.34 23.22
CA ILE A 56 23.22 47.87 22.35
C ILE A 56 21.86 47.34 22.75
N ALA A 57 21.82 46.10 23.20
CA ALA A 57 20.59 45.55 23.74
C ALA A 57 20.26 46.25 25.05
N PHE A 58 21.28 46.62 25.79
CA PHE A 58 21.05 47.36 27.03
C PHE A 58 20.38 48.69 26.72
N GLN A 59 20.61 49.24 25.53
CA GLN A 59 19.87 50.45 25.18
C GLN A 59 18.44 50.07 24.88
N ARG A 60 18.27 48.88 24.29
CA ARG A 60 16.95 48.35 23.92
C ARG A 60 16.14 47.93 25.13
N LEU A 61 16.79 47.18 26.02
CA LEU A 61 16.21 46.78 27.28
C LEU A 61 15.63 47.99 27.97
N VAL A 62 16.36 49.08 27.92
CA VAL A 62 15.94 50.32 28.52
C VAL A 62 14.68 50.89 27.86
N SER A 63 14.76 51.18 26.58
CA SER A 63 13.69 51.94 25.92
C SER A 63 12.38 51.15 25.94
N CYS A 64 12.50 49.83 26.00
CA CYS A 64 11.33 48.99 26.14
C CYS A 64 10.78 49.12 27.56
N LEU A 65 11.67 49.37 28.51
CA LEU A 65 11.23 49.69 29.87
C LEU A 65 10.86 51.15 30.02
N GLN A 66 11.72 52.04 29.51
CA GLN A 66 11.52 53.45 29.76
C GLN A 66 10.28 53.99 29.06
N ASN A 67 10.03 53.56 27.83
CA ASN A 67 8.83 53.93 27.10
C ASN A 67 7.73 52.88 27.15
N GLN A 68 7.95 51.80 27.91
CA GLN A 68 6.91 50.82 28.25
C GLN A 68 6.42 50.04 27.04
N GLU A 69 7.01 50.27 25.87
CA GLU A 69 6.66 49.54 24.67
C GLU A 69 6.65 48.06 25.00
N THR A 70 5.60 47.37 24.60
CA THR A 70 5.40 46.02 25.09
C THR A 70 6.29 44.99 24.37
N ASN A 71 6.68 45.25 23.13
CA ASN A 71 7.51 44.26 22.42
C ASN A 71 8.87 44.80 21.99
N LEU A 72 9.87 43.92 21.96
CA LEU A 72 11.26 44.27 21.63
C LEU A 72 11.91 43.21 20.71
N ASP A 73 12.75 43.67 19.79
CA ASP A 73 13.43 42.70 18.96
C ASP A 73 14.84 42.43 19.51
N LEU A 74 15.79 43.34 19.29
CA LEU A 74 17.19 43.06 19.61
C LEU A 74 17.57 41.64 19.16
N SER A 75 17.10 41.26 17.98
CA SER A 75 17.45 39.99 17.39
C SER A 75 18.88 39.97 16.79
N GLU A 76 19.22 40.93 15.95
CA GLU A 76 20.44 40.83 15.13
C GLU A 76 21.75 40.73 15.91
N LEU A 77 21.78 41.27 17.12
CA LEU A 77 23.07 41.55 17.75
C LEU A 77 23.57 40.37 18.56
N GLY A 78 24.64 39.75 18.06
CA GLY A 78 25.04 38.45 18.57
C GLY A 78 25.28 38.48 20.06
N LEU A 79 24.53 37.70 20.81
CA LEU A 79 24.69 37.77 22.25
C LEU A 79 24.72 36.42 22.96
N THR A 80 25.85 36.17 23.62
CA THR A 80 26.11 34.93 24.32
C THR A 80 24.95 34.51 25.21
N THR A 81 24.35 35.47 25.92
CA THR A 81 23.31 35.19 26.88
C THR A 81 22.18 36.19 26.84
N LEU A 82 21.29 36.06 27.82
CA LEU A 82 20.15 36.95 27.96
C LEU A 82 19.82 37.35 29.40
N PRO A 83 19.48 38.64 29.62
CA PRO A 83 19.06 39.21 30.92
C PRO A 83 17.63 38.88 31.32
N GLU A 84 17.21 39.48 32.44
CA GLU A 84 15.85 39.32 32.96
C GLU A 84 14.90 40.11 32.06
N ILE A 85 13.62 39.77 32.10
CA ILE A 85 12.63 40.42 31.23
C ILE A 85 11.62 41.18 32.09
N PRO A 86 11.17 42.37 31.64
CA PRO A 86 10.15 43.15 32.37
C PRO A 86 8.71 42.66 32.20
N PRO A 87 7.88 42.82 33.25
CA PRO A 87 6.55 42.21 33.41
C PRO A 87 5.51 42.62 32.37
N GLY A 88 5.57 43.84 31.87
CA GLY A 88 4.57 44.32 30.96
C GLY A 88 4.72 43.92 29.49
N ILE A 89 5.55 42.92 29.22
CA ILE A 89 5.88 42.59 27.82
C ILE A 89 4.88 41.64 27.16
N LYS A 90 4.31 42.12 26.05
CA LYS A 90 3.47 41.33 25.16
C LYS A 90 4.24 40.47 24.14
N SER A 91 5.30 40.99 23.54
CA SER A 91 6.07 40.18 22.59
C SER A 91 7.57 40.36 22.71
N ILE A 92 8.29 39.35 22.24
CA ILE A 92 9.74 39.34 22.28
C ILE A 92 10.27 38.78 20.99
N ASN A 93 11.09 39.56 20.29
CA ASN A 93 11.68 39.01 19.08
C ASN A 93 13.17 38.89 19.27
N ILE A 94 13.64 37.73 19.70
CA ILE A 94 15.07 37.51 19.85
C ILE A 94 15.50 36.33 19.03
N SER A 95 16.21 36.61 17.96
CA SER A 95 16.29 35.62 16.90
C SER A 95 17.53 35.89 16.11
N LYS A 96 17.93 34.95 15.27
CA LYS A 96 19.06 35.19 14.39
C LYS A 96 20.27 35.58 15.22
N ASN A 97 20.30 35.15 16.48
CA ASN A 97 21.42 35.45 17.33
C ASN A 97 22.30 34.21 17.51
N ASN A 98 23.29 34.34 18.38
CA ASN A 98 23.96 33.17 18.92
C ASN A 98 23.60 33.18 20.38
N LEU A 99 22.59 32.40 20.74
CA LEU A 99 22.15 32.40 22.12
C LEU A 99 21.91 30.97 22.54
N SER A 100 22.72 30.52 23.48
CA SER A 100 22.75 29.14 23.87
C SER A 100 21.47 28.70 24.60
N LEU A 101 21.02 29.55 25.53
CA LEU A 101 19.86 29.28 26.40
C LEU A 101 18.97 30.51 26.61
N ILE A 102 17.81 30.28 27.25
CA ILE A 102 16.79 31.32 27.42
C ILE A 102 16.43 31.57 28.90
N SER A 103 16.13 32.83 29.21
CA SER A 103 15.82 33.31 30.58
C SER A 103 14.35 33.06 30.96
N PRO A 104 13.90 33.52 32.15
CA PRO A 104 12.47 33.32 32.48
C PRO A 104 11.48 34.19 31.70
N LEU A 105 10.34 33.60 31.34
CA LEU A 105 9.33 34.26 30.51
C LEU A 105 8.25 34.99 31.28
N PRO A 106 7.88 36.19 30.82
CA PRO A 106 6.72 36.84 31.43
C PRO A 106 5.45 36.07 31.09
N ALA A 107 4.50 36.00 32.02
CA ALA A 107 3.23 35.35 31.72
C ALA A 107 2.50 36.19 30.68
N SER A 108 2.72 37.49 30.76
CA SER A 108 2.06 38.48 29.93
C SER A 108 2.32 38.28 28.43
N LEU A 109 3.27 37.41 28.12
CA LEU A 109 3.79 37.27 26.76
C LEU A 109 2.89 36.47 25.78
N THR A 110 2.80 36.96 24.54
CA THR A 110 2.02 36.31 23.48
C THR A 110 2.86 35.88 22.27
N GLN A 111 3.48 36.83 21.56
CA GLN A 111 4.41 36.47 20.48
C GLN A 111 5.82 36.20 21.00
N LEU A 112 6.36 35.05 20.61
CA LEU A 112 7.77 34.79 20.85
C LEU A 112 8.46 34.16 19.63
N ASN A 113 9.45 34.90 19.12
CA ASN A 113 10.34 34.40 18.09
C ASN A 113 11.75 34.28 18.64
N VAL A 114 12.21 33.05 18.86
CA VAL A 114 13.61 32.80 19.22
C VAL A 114 14.47 32.35 18.06
N SER A 115 13.93 32.44 16.84
CA SER A 115 14.24 31.52 15.76
C SER A 115 15.69 31.09 15.60
N TYR A 116 16.52 31.91 14.98
CA TYR A 116 17.71 31.31 14.37
C TYR A 116 18.91 31.07 15.31
N ASN A 117 18.94 31.69 16.48
CA ASN A 117 19.97 31.36 17.46
C ASN A 117 19.88 29.92 17.97
N ARG A 118 20.99 29.20 17.98
CA ARG A 118 20.99 27.78 18.36
C ARG A 118 20.60 27.57 19.84
N LEU A 119 19.60 26.74 20.08
CA LEU A 119 19.04 26.60 21.42
C LEU A 119 18.87 25.15 21.85
N ILE A 120 19.46 24.83 22.98
CA ILE A 120 19.49 23.44 23.38
C ILE A 120 18.38 23.06 24.36
N GLU A 121 17.67 24.04 24.90
CA GLU A 121 16.61 23.76 25.88
C GLU A 121 15.54 24.83 25.83
N LEU A 122 14.30 24.44 26.07
CA LEU A 122 13.20 25.40 25.94
C LEU A 122 12.47 25.62 27.27
N PRO A 123 12.50 26.87 27.77
CA PRO A 123 11.90 27.26 29.06
C PRO A 123 10.39 27.11 29.12
N ALA A 124 9.80 27.23 30.32
CA ALA A 124 8.35 27.11 30.54
C ALA A 124 7.54 28.28 29.97
N LEU A 125 6.44 27.95 29.30
CA LEU A 125 5.70 28.89 28.45
C LEU A 125 4.56 29.65 29.16
N PRO A 126 4.30 30.90 28.76
CA PRO A 126 3.15 31.65 29.29
C PRO A 126 1.85 31.23 28.63
N GLN A 127 0.75 31.35 29.39
CA GLN A 127 -0.55 30.85 28.96
C GLN A 127 -0.97 31.45 27.63
N GLY A 128 -0.92 32.77 27.58
CA GLY A 128 -1.59 33.52 26.54
C GLY A 128 -0.80 33.72 25.28
N LEU A 129 0.17 32.85 25.01
CA LEU A 129 0.95 33.08 23.81
C LEU A 129 0.21 32.51 22.62
N LYS A 130 -0.19 33.40 21.71
CA LYS A 130 -0.82 32.97 20.48
C LYS A 130 0.23 32.47 19.51
N LEU A 131 1.27 33.28 19.33
CA LEU A 131 2.31 32.99 18.34
C LEU A 131 3.54 32.41 19.04
N LEU A 132 4.10 31.35 18.45
CA LEU A 132 5.32 30.77 18.99
C LEU A 132 6.29 30.17 17.95
N ASN A 133 7.55 30.58 18.00
CA ASN A 133 8.53 30.09 17.02
C ASN A 133 9.90 29.80 17.64
N ALA A 134 10.41 28.60 17.42
CA ALA A 134 11.83 28.30 17.59
C ALA A 134 12.34 27.47 16.41
N SER A 135 13.13 28.07 15.53
CA SER A 135 13.54 27.37 14.32
C SER A 135 15.05 27.28 14.24
N HIS A 136 15.55 26.32 13.47
CA HIS A 136 17.00 26.16 13.28
C HIS A 136 17.75 26.12 14.63
N ASN A 137 17.25 25.31 15.56
CA ASN A 137 17.79 25.21 16.93
C ASN A 137 18.10 23.76 17.31
N GLN A 138 18.75 23.56 18.45
CA GLN A 138 19.29 22.27 18.79
C GLN A 138 18.39 21.24 19.48
N LEU A 139 17.58 21.68 20.45
CA LEU A 139 16.94 20.76 21.40
C LEU A 139 16.15 19.56 20.82
N ILE A 140 16.26 18.42 21.52
CA ILE A 140 15.49 17.23 21.20
C ILE A 140 14.15 17.25 21.92
N THR A 141 14.09 18.07 22.95
CA THR A 141 12.99 18.03 23.90
C THR A 141 12.08 19.21 23.74
N LEU A 142 10.78 18.93 23.74
CA LEU A 142 9.79 20.00 23.76
C LEU A 142 8.82 19.86 24.92
N PRO A 143 8.47 21.00 25.53
CA PRO A 143 7.58 21.17 26.68
C PRO A 143 6.11 21.44 26.34
N THR A 144 5.31 21.69 27.37
CA THR A 144 3.86 21.81 27.22
C THR A 144 3.39 23.16 26.70
N LEU A 145 2.68 23.11 25.58
CA LEU A 145 2.18 24.29 24.86
C LEU A 145 0.87 24.74 25.48
N PRO A 146 0.74 26.04 25.83
CA PRO A 146 -0.47 26.43 26.54
C PRO A 146 -1.71 26.41 25.65
N ILE A 147 -2.88 26.41 26.27
CA ILE A 147 -4.13 26.34 25.51
C ILE A 147 -4.21 27.49 24.52
N SER A 148 -3.96 28.71 24.97
CA SER A 148 -4.14 29.90 24.13
C SER A 148 -3.25 29.83 22.91
N LEU A 149 -2.34 28.86 22.86
CA LEU A 149 -1.39 28.85 21.77
C LEU A 149 -2.05 28.53 20.44
N LYS A 150 -1.95 29.49 19.53
CA LYS A 150 -2.46 29.34 18.17
C LYS A 150 -1.41 28.95 17.13
N GLU A 151 -0.13 29.09 17.47
CA GLU A 151 0.89 28.87 16.44
C GLU A 151 2.18 28.20 16.90
N LEU A 152 2.62 27.19 16.15
CA LEU A 152 3.86 26.50 16.45
C LEU A 152 4.75 26.24 15.22
N HIS A 153 5.91 26.89 15.20
CA HIS A 153 6.92 26.72 14.15
C HIS A 153 8.20 26.16 14.67
N VAL A 154 8.60 24.99 14.18
CA VAL A 154 9.94 24.48 14.43
C VAL A 154 10.60 23.92 13.14
N SER A 155 11.60 24.59 12.63
CA SER A 155 11.94 24.40 11.22
C SER A 155 13.09 23.41 11.06
N ASN A 156 14.26 23.73 11.58
CA ASN A 156 15.38 22.78 11.57
C ASN A 156 15.67 22.41 13.01
N ASN A 157 15.74 21.12 13.33
CA ASN A 157 15.91 20.72 14.73
C ASN A 157 16.43 19.29 14.91
N GLN A 158 16.80 18.96 16.14
CA GLN A 158 17.09 17.58 16.51
C GLN A 158 15.97 16.85 17.29
N LEU A 159 14.88 17.54 17.61
CA LEU A 159 13.81 16.91 18.40
C LEU A 159 13.12 15.78 17.69
N CYS A 160 13.00 14.64 18.38
CA CYS A 160 12.23 13.50 17.88
C CYS A 160 10.84 13.24 18.53
N SER A 161 10.47 14.01 19.54
CA SER A 161 9.24 13.71 20.29
C SER A 161 8.38 14.94 20.60
N LEU A 162 7.10 14.85 20.26
CA LEU A 162 6.18 15.96 20.46
C LEU A 162 5.16 15.69 21.56
N PRO A 163 5.04 16.63 22.51
CA PRO A 163 4.05 16.67 23.60
C PRO A 163 2.65 16.98 23.11
N VAL A 164 1.74 17.29 24.05
CA VAL A 164 0.32 17.58 23.78
C VAL A 164 0.04 18.96 23.14
N LEU A 165 -0.85 18.96 22.14
CA LEU A 165 -1.22 20.16 21.40
C LEU A 165 -2.56 20.70 21.90
N PRO A 166 -2.61 22.01 22.21
CA PRO A 166 -3.91 22.60 22.52
C PRO A 166 -4.81 22.53 21.29
N GLU A 167 -6.08 22.19 21.48
CA GLU A 167 -7.03 22.06 20.39
C GLU A 167 -7.13 23.39 19.65
N LEU A 168 -6.64 24.44 20.30
CA LEU A 168 -6.73 25.79 19.79
C LEU A 168 -5.78 26.00 18.61
N LEU A 169 -4.81 25.12 18.44
CA LEU A 169 -3.68 25.40 17.56
C LEU A 169 -3.95 25.11 16.08
N GLU A 170 -3.86 26.16 15.24
CA GLU A 170 -4.12 26.04 13.79
C GLU A 170 -2.89 25.88 12.89
N THR A 171 -1.70 25.94 13.46
CA THR A 171 -0.49 25.87 12.63
C THR A 171 0.59 24.96 13.19
N LEU A 172 0.95 23.93 12.43
CA LEU A 172 2.09 23.12 12.82
C LEU A 172 3.18 23.09 11.74
N ASP A 173 4.30 23.77 12.01
CA ASP A 173 5.52 23.58 11.23
C ASP A 173 6.47 22.77 12.08
N VAL A 174 6.51 21.46 11.81
CA VAL A 174 7.44 20.54 12.45
C VAL A 174 8.57 20.13 11.52
N SER A 175 8.63 20.74 10.35
CA SER A 175 9.40 20.20 9.23
C SER A 175 10.87 19.97 9.53
N CYS A 176 11.47 19.08 8.75
CA CYS A 176 12.93 19.05 8.55
C CYS A 176 13.73 18.43 9.68
N ASN A 177 13.14 18.31 10.87
CA ASN A 177 13.83 17.62 11.95
C ASN A 177 13.23 16.23 12.22
N GLY A 178 14.07 15.22 12.32
CA GLY A 178 13.62 13.85 12.35
C GLY A 178 12.58 13.53 13.41
N LEU A 179 11.42 13.06 12.95
CA LEU A 179 10.32 12.68 13.82
C LEU A 179 9.74 11.39 13.34
N ALA A 180 9.71 10.39 14.22
CA ALA A 180 9.00 9.15 13.97
C ALA A 180 7.53 9.28 14.36
N VAL A 181 7.32 9.93 15.50
CA VAL A 181 6.02 9.96 16.17
C VAL A 181 5.35 11.33 16.06
N LEU A 182 4.27 11.37 15.29
CA LEU A 182 3.51 12.58 15.12
C LEU A 182 2.21 12.43 15.87
N PRO A 183 2.09 13.12 17.00
CA PRO A 183 0.96 12.99 17.92
C PRO A 183 -0.39 13.37 17.29
N PRO A 184 -1.47 13.27 18.07
CA PRO A 184 -2.78 13.78 17.65
C PRO A 184 -2.79 15.23 17.26
N LEU A 185 -3.77 15.61 16.45
CA LEU A 185 -3.90 16.98 15.96
C LEU A 185 -5.12 17.57 16.61
N PRO A 186 -5.05 18.86 16.90
CA PRO A 186 -6.18 19.59 17.48
C PRO A 186 -7.41 19.50 16.62
N PHE A 187 -8.55 19.75 17.22
CA PHE A 187 -9.78 19.89 16.46
C PHE A 187 -9.56 20.97 15.39
N SER A 188 -8.84 22.03 15.75
CA SER A 188 -8.74 23.26 14.95
C SER A 188 -7.55 23.44 13.99
N LEU A 189 -6.68 22.44 13.84
CA LEU A 189 -5.47 22.62 13.03
C LEU A 189 -5.82 22.77 11.56
N GLN A 190 -5.41 23.89 10.95
CA GLN A 190 -5.56 24.08 9.51
C GLN A 190 -4.33 23.80 8.63
N GLU A 191 -3.16 23.70 9.24
CA GLU A 191 -1.92 23.60 8.45
C GLU A 191 -0.91 22.67 9.07
N ILE A 192 -0.31 21.82 8.25
CA ILE A 192 0.62 20.87 8.82
C ILE A 192 1.80 20.74 7.86
N SER A 193 3.01 20.96 8.39
CA SER A 193 4.22 20.74 7.59
C SER A 193 5.31 19.99 8.35
N ALA A 194 5.60 18.78 7.90
CA ALA A 194 6.80 18.08 8.32
C ALA A 194 7.54 17.57 7.08
N ILE A 195 8.67 18.18 6.81
CA ILE A 195 9.47 17.75 5.68
C ILE A 195 10.69 17.09 6.32
N GLY A 196 11.34 16.16 5.65
CA GLY A 196 12.56 15.58 6.18
C GLY A 196 12.47 14.82 7.51
N ASN A 197 11.27 14.67 8.07
CA ASN A 197 11.08 13.83 9.25
C ASN A 197 11.12 12.36 8.89
N LEU A 198 11.36 11.51 9.86
CA LEU A 198 11.50 10.09 9.57
C LEU A 198 10.23 9.31 9.86
N LEU A 199 9.13 10.02 10.15
CA LEU A 199 7.86 9.40 10.49
C LEU A 199 7.41 8.30 9.53
N SER A 200 6.89 7.22 10.09
CA SER A 200 6.48 6.03 9.34
C SER A 200 5.08 6.12 8.70
N GLU A 201 4.11 6.59 9.47
CA GLU A 201 2.75 6.69 9.01
C GLU A 201 2.14 7.96 9.55
N LEU A 202 0.97 8.35 9.06
CA LEU A 202 0.36 9.58 9.54
C LEU A 202 -0.90 9.32 10.34
N PRO A 203 -1.24 10.24 11.25
CA PRO A 203 -2.56 10.22 11.89
C PRO A 203 -3.62 10.75 10.93
N PRO A 204 -4.87 10.29 11.08
CA PRO A 204 -5.92 10.91 10.26
C PRO A 204 -6.11 12.36 10.67
N LEU A 205 -6.56 13.15 9.72
CA LEU A 205 -6.50 14.60 9.80
C LEU A 205 -7.88 15.25 10.01
N PRO A 206 -8.00 16.14 11.01
CA PRO A 206 -9.23 16.90 11.28
C PRO A 206 -9.78 17.66 10.05
N HIS A 207 -11.09 17.93 10.01
CA HIS A 207 -11.75 18.39 8.78
C HIS A 207 -11.28 19.77 8.34
N ASN A 208 -10.91 20.60 9.32
CA ASN A 208 -10.40 21.95 9.07
C ASN A 208 -9.18 21.95 8.18
N ILE A 209 -8.40 20.88 8.27
CA ILE A 209 -7.13 20.79 7.57
C ILE A 209 -7.27 21.00 6.07
N HIS A 210 -6.42 21.87 5.55
CA HIS A 210 -6.46 22.34 4.17
C HIS A 210 -5.13 22.08 3.42
N SER A 211 -4.01 22.58 3.94
CA SER A 211 -2.74 22.38 3.23
C SER A 211 -1.80 21.45 4.02
N ILE A 212 -1.16 20.52 3.31
CA ILE A 212 -0.32 19.48 3.93
C ILE A 212 0.99 19.22 3.19
N TRP A 213 2.10 19.12 3.93
CA TRP A 213 3.40 18.95 3.30
C TRP A 213 4.27 17.86 3.95
N ALA A 214 4.66 16.85 3.16
CA ALA A 214 5.66 15.87 3.59
C ALA A 214 6.61 15.45 2.47
N ILE A 215 7.91 15.63 2.66
CA ILE A 215 8.89 15.21 1.68
C ILE A 215 10.03 14.62 2.51
N ASP A 216 10.86 13.75 1.91
CA ASP A 216 11.97 13.12 2.63
C ASP A 216 11.54 12.48 3.97
N ASN A 217 10.41 11.79 3.93
CA ASN A 217 9.87 10.97 5.02
C ASN A 217 9.69 9.55 4.52
N MET A 218 9.21 8.66 5.39
CA MET A 218 8.81 7.31 5.00
C MET A 218 7.32 7.15 5.23
N LEU A 219 6.52 7.05 4.18
CA LEU A 219 5.08 7.03 4.44
C LEU A 219 4.27 5.93 3.86
N THR A 220 3.71 5.09 4.72
CA THR A 220 2.81 4.04 4.26
C THR A 220 1.79 4.50 3.21
N ASP A 221 0.86 5.34 3.64
CA ASP A 221 -0.25 5.73 2.77
C ASP A 221 -0.89 7.04 3.17
N ILE A 222 -1.69 7.57 2.24
CA ILE A 222 -2.45 8.79 2.41
C ILE A 222 -3.69 8.60 3.29
N PRO A 223 -3.71 9.28 4.44
CA PRO A 223 -4.68 9.09 5.52
C PRO A 223 -5.98 9.89 5.39
N TYR A 224 -6.68 9.68 4.29
CA TYR A 224 -8.07 10.14 4.10
C TYR A 224 -8.33 11.61 3.70
N LEU A 225 -7.37 12.51 3.87
CA LEU A 225 -7.40 13.82 3.19
C LEU A 225 -8.75 14.56 3.04
N PRO A 226 -9.27 15.16 4.13
CA PRO A 226 -10.52 15.93 4.14
C PRO A 226 -10.72 16.97 3.01
N GLU A 227 -11.97 17.08 2.56
CA GLU A 227 -12.35 17.77 1.32
C GLU A 227 -12.10 19.28 1.31
N ASN A 228 -11.91 19.85 2.50
CA ASN A 228 -11.46 21.22 2.59
C ASN A 228 -10.15 21.38 1.84
N LEU A 229 -9.27 20.38 1.97
CA LEU A 229 -7.89 20.47 1.50
C LEU A 229 -7.67 20.98 0.07
N ARG A 230 -6.74 21.93 -0.10
CA ARG A 230 -6.29 22.43 -1.42
C ARG A 230 -5.07 21.63 -1.91
N ASN A 231 -4.00 21.68 -1.12
CA ASN A 231 -2.78 20.92 -1.43
C ASN A 231 -2.19 20.14 -0.25
N GLY A 232 -2.19 18.82 -0.38
CA GLY A 232 -1.29 17.97 0.37
C GLY A 232 -0.09 17.64 -0.50
N TYR A 233 1.09 17.45 0.12
CA TYR A 233 2.31 17.17 -0.65
C TYR A 233 3.11 15.97 -0.12
N PHE A 234 3.20 14.89 -0.89
CA PHE A 234 4.00 13.74 -0.47
C PHE A 234 4.97 13.27 -1.56
N ASP A 235 6.24 13.59 -1.40
CA ASP A 235 7.28 13.16 -2.34
C ASP A 235 8.13 12.03 -1.76
N ILE A 236 7.61 11.44 -0.69
CA ILE A 236 8.37 10.50 0.14
C ILE A 236 8.21 9.08 -0.34
N ASN A 237 9.29 8.60 -0.94
CA ASN A 237 9.16 7.69 -2.06
C ASN A 237 8.67 6.35 -1.62
N GLN A 238 8.37 6.16 -0.35
CA GLN A 238 7.66 4.94 0.01
C GLN A 238 6.22 5.26 0.31
N ILE A 239 5.31 5.07 -0.66
CA ILE A 239 3.88 4.86 -0.43
C ILE A 239 3.49 3.89 -1.54
N SER A 240 2.75 2.84 -1.19
CA SER A 240 2.49 1.77 -2.16
C SER A 240 1.30 2.02 -3.10
N HIS A 241 0.28 2.72 -2.64
CA HIS A 241 -0.93 2.81 -3.44
C HIS A 241 -1.73 4.09 -3.23
N ILE A 242 -2.65 4.34 -4.15
CA ILE A 242 -3.50 5.52 -4.15
C ILE A 242 -4.83 5.23 -3.45
N PRO A 243 -5.17 6.01 -2.41
CA PRO A 243 -6.30 5.72 -1.52
C PRO A 243 -7.63 5.76 -2.24
N GLU A 244 -7.65 6.32 -3.45
CA GLU A 244 -8.81 6.25 -4.34
C GLU A 244 -9.92 7.16 -3.81
N SER A 245 -9.68 7.69 -2.62
CA SER A 245 -10.55 8.65 -1.98
C SER A 245 -10.09 10.05 -2.38
N ILE A 246 -9.14 10.08 -3.30
CA ILE A 246 -8.54 11.33 -3.77
C ILE A 246 -9.39 12.09 -4.78
N LEU A 247 -10.34 11.40 -5.40
CA LEU A 247 -11.07 11.97 -6.53
C LEU A 247 -12.31 12.71 -6.08
N ASN A 248 -12.41 12.88 -4.78
CA ASN A 248 -13.50 13.65 -4.17
C ASN A 248 -13.13 15.13 -3.99
N LEU A 249 -11.95 15.51 -4.47
CA LEU A 249 -11.34 16.81 -4.12
C LEU A 249 -11.40 17.83 -5.25
N ARG A 250 -11.46 19.12 -4.88
CA ARG A 250 -11.91 20.13 -5.83
C ARG A 250 -11.01 20.32 -7.06
N ASN A 251 -11.56 20.92 -8.11
CA ASN A 251 -10.82 21.07 -9.37
C ASN A 251 -9.42 21.63 -9.20
N GLU A 252 -9.28 22.87 -8.73
CA GLU A 252 -7.94 23.37 -8.54
C GLU A 252 -7.67 23.01 -7.11
N CYS A 253 -7.10 21.83 -7.01
CA CYS A 253 -6.63 21.21 -5.82
C CYS A 253 -5.48 20.38 -6.28
N SER A 254 -4.33 20.61 -5.73
CA SER A 254 -3.18 19.91 -6.27
C SER A 254 -2.54 19.05 -5.20
N ILE A 255 -2.35 17.77 -5.49
CA ILE A 255 -1.60 16.91 -4.59
C ILE A 255 -0.48 16.22 -5.37
N ASP A 256 0.58 15.79 -4.67
CA ASP A 256 1.81 15.36 -5.33
C ASP A 256 2.28 13.98 -4.87
N ILE A 257 2.20 13.04 -5.80
CA ILE A 257 2.70 11.68 -5.60
C ILE A 257 4.00 11.34 -6.33
N SER A 258 4.68 12.33 -6.92
CA SER A 258 5.94 12.06 -7.59
C SER A 258 6.99 11.35 -6.71
N ASP A 259 7.80 10.52 -7.35
CA ASP A 259 8.74 9.55 -6.75
C ASP A 259 8.06 8.85 -5.57
N ASN A 260 7.16 7.94 -5.89
CA ASN A 260 6.69 6.96 -4.92
C ASN A 260 6.73 5.65 -5.68
N PRO A 261 6.94 4.52 -4.98
CA PRO A 261 6.89 3.39 -5.90
C PRO A 261 5.44 3.11 -6.21
N LEU A 262 5.07 3.04 -7.46
CA LEU A 262 3.69 2.72 -7.74
C LEU A 262 3.72 1.65 -8.80
N SER A 263 2.73 0.76 -8.77
CA SER A 263 2.65 -0.28 -9.77
C SER A 263 2.60 0.43 -11.11
N SER A 264 3.29 -0.17 -12.08
CA SER A 264 3.15 0.23 -13.46
C SER A 264 1.66 0.36 -13.75
N HIS A 265 0.86 -0.54 -13.19
CA HIS A 265 -0.58 -0.50 -13.39
C HIS A 265 -1.21 0.77 -12.80
N ALA A 266 -0.91 1.06 -11.54
CA ALA A 266 -1.45 2.24 -10.86
C ALA A 266 -1.17 3.54 -11.63
N LEU A 267 0.10 3.75 -11.96
CA LEU A 267 0.52 4.91 -12.75
C LEU A 267 -0.15 4.97 -14.12
N GLN A 268 -0.03 3.88 -14.89
CA GLN A 268 -0.62 3.82 -16.22
C GLN A 268 -2.10 4.14 -16.13
N SER A 269 -2.78 3.52 -15.18
CA SER A 269 -4.19 3.78 -14.95
C SER A 269 -4.48 5.26 -14.74
N LEU A 270 -3.65 5.86 -13.92
CA LEU A 270 -3.86 7.23 -13.48
C LEU A 270 -3.73 8.10 -14.74
N GLN A 271 -2.64 7.86 -15.49
CA GLN A 271 -2.34 8.59 -16.73
C GLN A 271 -3.47 8.50 -17.74
N ARG A 272 -3.98 7.30 -17.98
CA ARG A 272 -5.06 7.16 -18.95
C ARG A 272 -6.23 7.93 -18.39
N LEU A 273 -6.43 7.76 -17.09
CA LEU A 273 -7.51 8.39 -16.40
C LEU A 273 -7.36 9.92 -16.55
N THR A 274 -6.12 10.42 -16.45
CA THR A 274 -5.89 11.89 -16.48
C THR A 274 -6.13 12.46 -17.86
N SER A 275 -5.74 11.76 -18.92
CA SER A 275 -5.89 12.41 -20.23
C SER A 275 -7.28 12.02 -20.59
N SER A 276 -8.17 12.98 -20.42
CA SER A 276 -9.59 12.71 -20.42
C SER A 276 -10.32 13.87 -21.00
N PRO A 277 -11.42 13.59 -21.69
CA PRO A 277 -12.26 14.67 -22.17
C PRO A 277 -12.72 15.55 -21.02
N ASP A 278 -13.18 14.93 -19.95
CA ASP A 278 -13.66 15.71 -18.82
C ASP A 278 -12.98 15.35 -17.54
N TYR A 279 -13.01 16.31 -16.63
CA TYR A 279 -11.85 16.63 -15.82
C TYR A 279 -11.38 15.50 -14.94
N HIS A 280 -10.06 15.38 -14.93
CA HIS A 280 -9.33 14.35 -14.22
C HIS A 280 -9.85 14.01 -12.84
N GLY A 281 -10.04 15.06 -12.07
CA GLY A 281 -10.18 14.95 -10.64
C GLY A 281 -9.49 16.21 -10.22
N PRO A 282 -9.18 16.33 -8.93
CA PRO A 282 -8.30 17.44 -8.61
C PRO A 282 -6.96 17.18 -9.28
N GLN A 283 -6.32 18.18 -9.88
CA GLN A 283 -5.08 17.93 -10.60
C GLN A 283 -4.10 17.28 -9.64
N ILE A 284 -3.55 16.14 -10.02
CA ILE A 284 -2.70 15.38 -9.11
C ILE A 284 -1.34 15.40 -9.79
N TYR A 285 -0.25 15.41 -9.03
CA TYR A 285 1.03 15.43 -9.70
C TYR A 285 1.75 14.10 -9.50
N PHE A 286 2.19 13.56 -10.64
CA PHE A 286 2.62 12.19 -10.78
C PHE A 286 4.10 11.93 -10.94
N SER A 287 4.41 10.67 -11.25
CA SER A 287 5.74 10.20 -11.55
C SER A 287 5.80 9.38 -12.86
N MET A 288 6.93 8.72 -13.07
CA MET A 288 7.25 7.90 -14.24
C MET A 288 7.52 6.44 -13.81
N SER A 289 8.40 6.30 -12.82
CA SER A 289 8.80 5.03 -12.16
C SER A 289 9.60 4.01 -12.98
N ASP A 290 9.26 2.73 -12.85
CA ASP A 290 10.11 1.68 -13.41
C ASP A 290 10.04 1.75 -14.93
N GLY A 291 11.23 1.85 -15.54
CA GLY A 291 11.41 2.40 -16.87
C GLY A 291 10.52 1.94 -17.99
N GLN A 292 10.02 2.93 -18.73
CA GLN A 292 9.43 2.75 -20.05
C GLN A 292 8.24 1.77 -20.14
N GLN A 293 7.07 2.23 -19.67
CA GLN A 293 5.74 1.70 -20.04
C GLN A 293 5.48 0.20 -19.83
N ASN A 294 5.38 -0.27 -18.58
CA ASN A 294 5.34 -1.73 -18.31
C ASN A 294 3.99 -2.50 -18.58
N THR A 295 2.81 -1.93 -18.30
CA THR A 295 1.54 -2.62 -18.69
C THR A 295 0.94 -2.19 -20.03
N LEU A 296 1.62 -1.31 -20.75
CA LEU A 296 1.39 -1.19 -22.19
C LEU A 296 2.06 -2.45 -22.76
N HIS A 297 1.64 -2.93 -23.92
CA HIS A 297 2.09 -4.24 -24.41
C HIS A 297 3.59 -4.28 -24.83
N ARG A 298 4.24 -5.40 -24.46
CA ARG A 298 5.60 -5.82 -24.88
C ARG A 298 6.84 -4.89 -24.69
N PRO A 299 6.99 -4.22 -23.52
CA PRO A 299 8.14 -3.35 -23.28
C PRO A 299 9.50 -4.03 -23.02
N LEU A 300 9.53 -4.99 -22.09
CA LEU A 300 10.77 -5.62 -21.67
C LEU A 300 10.54 -6.96 -21.00
N ALA A 301 11.61 -7.75 -20.94
CA ALA A 301 11.60 -8.97 -20.16
C ALA A 301 12.96 -9.13 -19.47
N ASP A 302 12.92 -9.38 -18.17
CA ASP A 302 14.11 -9.74 -17.40
C ASP A 302 14.41 -11.24 -17.51
N ALA A 303 15.31 -11.72 -16.65
CA ALA A 303 15.81 -13.09 -16.72
C ALA A 303 16.07 -13.67 -15.32
N VAL A 304 15.61 -14.91 -15.08
CA VAL A 304 15.82 -15.65 -13.82
C VAL A 304 15.62 -14.68 -12.65
N THR A 305 14.51 -13.95 -12.71
CA THR A 305 14.29 -12.92 -11.71
C THR A 305 14.38 -13.59 -10.37
N ALA A 306 15.24 -13.05 -9.52
CA ALA A 306 15.57 -13.70 -8.26
C ALA A 306 14.89 -13.00 -7.09
N TRP A 307 13.81 -13.61 -6.60
CA TRP A 307 13.17 -13.22 -5.35
C TRP A 307 13.59 -14.26 -4.31
N PHE A 308 14.52 -15.13 -4.70
CA PHE A 308 14.84 -16.37 -3.97
C PHE A 308 15.39 -15.98 -2.57
N PRO A 309 15.83 -16.95 -1.73
CA PRO A 309 15.92 -16.58 -0.30
C PRO A 309 16.50 -15.18 0.02
N GLU A 310 17.42 -14.71 -0.80
CA GLU A 310 17.87 -13.30 -0.77
C GLU A 310 18.46 -13.01 -2.16
N ASN A 311 19.20 -11.91 -2.31
CA ASN A 311 20.08 -11.78 -3.46
C ASN A 311 21.10 -12.93 -3.39
N LYS A 312 21.14 -13.62 -2.25
CA LYS A 312 21.71 -14.96 -2.16
C LYS A 312 20.97 -15.84 -3.15
N GLN A 313 21.74 -16.32 -4.11
CA GLN A 313 21.17 -17.12 -5.16
C GLN A 313 21.23 -18.61 -4.84
N SER A 314 22.09 -18.99 -3.90
CA SER A 314 22.33 -20.39 -3.56
C SER A 314 22.47 -21.27 -4.81
N ASP A 315 23.38 -20.85 -5.70
CA ASP A 315 23.68 -21.47 -7.02
C ASP A 315 22.77 -20.94 -8.15
N VAL A 316 21.76 -20.10 -7.87
CA VAL A 316 20.84 -19.76 -8.95
C VAL A 316 21.46 -18.70 -9.89
N SER A 317 20.86 -18.68 -11.08
CA SER A 317 21.20 -17.87 -12.24
C SER A 317 22.32 -18.57 -12.98
N GLN A 318 22.98 -19.49 -12.28
CA GLN A 318 23.74 -20.51 -12.97
C GLN A 318 22.76 -21.52 -13.51
N ILE A 319 21.76 -21.85 -12.70
CA ILE A 319 20.98 -23.06 -12.94
C ILE A 319 19.97 -22.70 -13.99
N TRP A 320 19.47 -21.47 -13.90
CA TRP A 320 18.45 -21.03 -14.84
C TRP A 320 19.09 -20.36 -16.05
N HIS A 321 20.41 -20.37 -16.12
CA HIS A 321 21.16 -19.93 -17.30
C HIS A 321 20.89 -20.76 -18.55
N ALA A 322 20.92 -22.09 -18.40
CA ALA A 322 20.75 -22.98 -19.54
C ALA A 322 19.40 -22.77 -20.19
N PHE A 323 18.47 -22.16 -19.45
CA PHE A 323 17.11 -22.10 -19.95
C PHE A 323 17.00 -20.85 -20.68
N GLU A 324 18.01 -20.02 -20.51
CA GLU A 324 17.91 -18.72 -21.07
C GLU A 324 17.84 -18.90 -22.57
N HIS A 325 18.74 -19.70 -23.14
CA HIS A 325 18.51 -20.07 -24.51
C HIS A 325 17.36 -21.09 -24.37
N GLU A 326 16.17 -20.74 -24.86
CA GLU A 326 15.00 -21.62 -24.76
C GLU A 326 13.97 -21.12 -25.73
N GLU A 327 12.96 -21.94 -26.02
CA GLU A 327 11.79 -21.43 -26.68
C GLU A 327 10.68 -21.38 -25.63
N HIS A 328 9.80 -20.39 -25.75
CA HIS A 328 8.68 -20.14 -24.82
C HIS A 328 9.12 -19.57 -23.47
N ALA A 329 10.42 -19.38 -23.28
CA ALA A 329 10.95 -18.78 -22.05
C ALA A 329 10.66 -17.27 -21.92
N ASN A 330 10.52 -16.56 -23.05
CA ASN A 330 10.23 -15.12 -23.04
C ASN A 330 8.81 -14.76 -22.64
N THR A 331 7.83 -15.54 -23.13
CA THR A 331 6.43 -15.37 -22.75
C THR A 331 6.30 -15.44 -21.23
N PHE A 332 7.02 -16.41 -20.67
CA PHE A 332 7.15 -16.65 -19.24
C PHE A 332 7.80 -15.44 -18.56
N SER A 333 8.91 -14.98 -19.13
CA SER A 333 9.62 -13.77 -18.65
C SER A 333 8.69 -12.57 -18.52
N ALA A 334 7.72 -12.45 -19.44
CA ALA A 334 6.71 -11.38 -19.40
C ALA A 334 5.85 -11.39 -18.13
N PHE A 335 5.32 -12.55 -17.73
CA PHE A 335 4.48 -12.62 -16.52
C PHE A 335 5.28 -12.89 -15.24
N LEU A 336 6.61 -12.93 -15.37
CA LEU A 336 7.57 -12.87 -14.25
C LEU A 336 7.78 -11.43 -13.69
N ASP A 337 7.96 -10.45 -14.58
CA ASP A 337 7.83 -9.03 -14.21
C ASP A 337 6.42 -8.74 -13.65
N ARG A 338 5.40 -9.10 -14.43
CA ARG A 338 4.03 -8.64 -14.23
C ARG A 338 3.54 -9.06 -12.83
N LEU A 339 3.86 -10.30 -12.44
CA LEU A 339 3.46 -10.85 -11.15
C LEU A 339 4.40 -10.34 -10.06
N SER A 340 5.64 -10.03 -10.43
CA SER A 340 6.56 -9.40 -9.50
C SER A 340 5.97 -8.07 -9.05
N ASP A 341 5.53 -7.28 -10.03
CA ASP A 341 5.18 -5.86 -9.85
C ASP A 341 4.36 -5.56 -8.60
N THR A 342 3.35 -6.39 -8.33
CA THR A 342 2.48 -6.17 -7.18
C THR A 342 3.10 -6.69 -5.86
N VAL A 343 3.67 -7.90 -5.90
CA VAL A 343 4.27 -8.55 -4.72
C VAL A 343 5.80 -8.36 -4.64
N SER A 344 6.41 -7.75 -5.65
CA SER A 344 7.83 -7.41 -5.55
C SER A 344 8.00 -6.19 -4.66
N ALA A 345 6.87 -5.59 -4.28
CA ALA A 345 6.85 -4.62 -3.21
C ALA A 345 7.28 -5.34 -1.95
N ARG A 346 7.45 -6.66 -2.11
CA ARG A 346 8.00 -7.60 -1.15
C ARG A 346 6.82 -7.93 -0.25
N ASN A 347 5.77 -7.13 -0.44
CA ASN A 347 4.70 -6.94 0.52
C ASN A 347 4.09 -8.29 0.86
N THR A 348 3.57 -8.37 2.08
CA THR A 348 3.35 -9.57 2.87
C THR A 348 4.74 -10.19 3.10
N SER A 349 4.92 -11.51 2.96
CA SER A 349 6.20 -12.10 3.27
C SER A 349 7.16 -11.78 2.14
N GLY A 350 8.38 -11.46 2.52
CA GLY A 350 9.32 -10.87 1.61
C GLY A 350 9.62 -11.67 0.37
N PHE A 351 10.09 -12.88 0.65
CA PHE A 351 10.55 -13.79 -0.35
C PHE A 351 10.20 -15.17 0.21
N ARG A 352 10.05 -16.14 -0.67
CA ARG A 352 9.51 -17.47 -0.35
C ARG A 352 8.06 -17.37 0.20
N GLU A 353 7.29 -16.33 -0.12
CA GLU A 353 5.93 -16.34 0.44
C GLU A 353 5.20 -17.52 -0.23
N GLN A 354 5.01 -17.50 -1.55
CA GLN A 354 4.99 -18.70 -2.41
C GLN A 354 6.28 -18.80 -3.27
N VAL A 355 7.24 -17.91 -3.03
CA VAL A 355 8.25 -17.52 -4.02
C VAL A 355 9.29 -18.60 -4.35
N ALA A 356 10.19 -18.89 -3.42
CA ALA A 356 11.43 -19.60 -3.74
C ALA A 356 11.20 -21.10 -3.87
N ALA A 357 10.18 -21.62 -3.21
CA ALA A 357 9.94 -23.05 -3.20
C ALA A 357 9.49 -23.56 -4.56
N TRP A 358 8.87 -22.69 -5.35
CA TRP A 358 8.25 -23.09 -6.62
C TRP A 358 9.20 -23.31 -7.78
N LEU A 359 10.12 -22.38 -7.97
CA LEU A 359 10.98 -22.42 -9.13
C LEU A 359 12.06 -23.49 -8.95
N GLU A 360 12.13 -24.07 -7.75
CA GLU A 360 12.98 -25.23 -7.51
C GLU A 360 12.30 -26.48 -8.04
N LYS A 361 10.98 -26.38 -8.22
CA LYS A 361 10.17 -27.45 -8.78
C LYS A 361 10.32 -27.49 -10.29
N LEU A 362 10.50 -26.31 -10.86
CA LEU A 362 10.71 -26.24 -12.29
C LEU A 362 12.15 -26.64 -12.57
N SER A 363 13.05 -26.41 -11.61
CA SER A 363 14.47 -26.75 -11.75
C SER A 363 14.68 -28.21 -12.12
N ALA A 364 13.85 -29.07 -11.56
CA ALA A 364 13.90 -30.49 -11.90
C ALA A 364 13.16 -30.79 -13.21
N SER A 365 12.26 -29.89 -13.62
CA SER A 365 11.40 -30.12 -14.79
C SER A 365 10.71 -31.43 -14.63
N ALA A 366 11.16 -32.34 -15.49
CA ALA A 366 10.50 -33.60 -15.81
C ALA A 366 9.21 -33.27 -16.55
N GLU A 367 9.34 -32.33 -17.51
CA GLU A 367 8.28 -31.77 -18.36
C GLU A 367 7.60 -30.58 -17.69
N LEU A 368 7.91 -30.34 -16.42
CA LEU A 368 7.22 -29.31 -15.64
C LEU A 368 7.40 -27.93 -16.20
N ARG A 369 8.65 -27.63 -16.55
CA ARG A 369 8.99 -26.33 -17.07
C ARG A 369 8.29 -26.09 -18.37
N GLN A 370 8.47 -27.01 -19.32
CA GLN A 370 7.76 -26.99 -20.59
C GLN A 370 6.30 -26.70 -20.33
N GLN A 371 5.78 -27.39 -19.32
CA GLN A 371 4.41 -27.23 -18.87
C GLN A 371 4.17 -25.79 -18.41
N SER A 372 5.06 -25.30 -17.56
CA SER A 372 4.92 -23.97 -17.01
C SER A 372 5.07 -22.91 -18.10
N PHE A 373 6.01 -23.11 -19.01
CA PHE A 373 6.30 -22.09 -20.01
C PHE A 373 5.15 -22.05 -20.99
N ALA A 374 4.67 -23.23 -21.36
CA ALA A 374 3.62 -23.33 -22.35
C ALA A 374 2.33 -22.67 -21.88
N VAL A 375 2.05 -22.73 -20.57
CA VAL A 375 0.83 -22.07 -20.08
C VAL A 375 1.07 -20.57 -20.04
N ALA A 376 2.29 -20.18 -19.72
CA ALA A 376 2.65 -18.77 -19.57
C ALA A 376 2.40 -17.94 -20.82
N ALA A 377 2.44 -18.59 -21.98
CA ALA A 377 2.20 -17.90 -23.24
C ALA A 377 0.75 -17.42 -23.37
N ASP A 378 -0.21 -18.23 -22.90
CA ASP A 378 -1.63 -17.92 -23.08
C ASP A 378 -2.14 -16.81 -22.17
N ALA A 379 -1.27 -16.34 -21.29
CA ALA A 379 -1.56 -15.18 -20.46
C ALA A 379 -1.71 -13.93 -21.32
N THR A 380 -0.90 -13.86 -22.36
CA THR A 380 -0.94 -12.78 -23.33
C THR A 380 -1.82 -13.12 -24.53
N GLU A 381 -2.23 -14.38 -24.64
CA GLU A 381 -3.16 -14.83 -25.67
C GLU A 381 -4.57 -14.48 -25.21
N SER A 382 -5.58 -15.07 -25.84
CA SER A 382 -6.98 -14.75 -25.54
C SER A 382 -7.26 -15.00 -24.04
N CYS A 383 -8.27 -14.28 -23.53
CA CYS A 383 -8.32 -13.68 -22.18
C CYS A 383 -7.65 -12.34 -22.32
N GLU A 384 -7.04 -12.12 -23.50
CA GLU A 384 -6.29 -10.92 -23.83
C GLU A 384 -5.30 -10.58 -22.72
N ASP A 385 -5.28 -9.33 -22.24
CA ASP A 385 -4.38 -9.01 -21.14
C ASP A 385 -5.11 -8.77 -19.81
N ARG A 386 -4.77 -9.63 -18.85
CA ARG A 386 -5.12 -9.57 -17.43
C ARG A 386 -4.48 -10.79 -16.80
N VAL A 387 -4.57 -10.87 -15.48
CA VAL A 387 -3.68 -11.73 -14.75
C VAL A 387 -4.58 -12.60 -13.91
N ALA A 388 -3.93 -13.30 -12.97
CA ALA A 388 -4.49 -13.94 -11.78
C ALA A 388 -5.14 -15.27 -12.05
N LEU A 389 -5.48 -15.53 -13.31
CA LEU A 389 -5.84 -16.87 -13.68
C LEU A 389 -4.51 -17.58 -13.84
N THR A 390 -3.55 -16.83 -14.35
CA THR A 390 -2.23 -17.35 -14.63
C THR A 390 -1.55 -17.94 -13.40
N TRP A 391 -1.54 -17.19 -12.29
CA TRP A 391 -0.90 -17.70 -11.07
C TRP A 391 -1.65 -18.93 -10.56
N ASN A 392 -2.99 -18.87 -10.60
CA ASN A 392 -3.81 -20.03 -10.25
C ASN A 392 -3.41 -21.21 -11.10
N ASN A 393 -3.31 -20.97 -12.39
CA ASN A 393 -3.10 -22.02 -13.38
C ASN A 393 -1.77 -22.73 -13.23
N LEU A 394 -0.77 -22.03 -12.70
CA LEU A 394 0.53 -22.64 -12.46
C LEU A 394 0.38 -23.70 -11.39
N ARG A 395 -0.26 -23.33 -10.28
CA ARG A 395 -0.48 -24.26 -9.19
C ARG A 395 -1.25 -25.50 -9.69
N LYS A 396 -2.20 -25.30 -10.61
CA LYS A 396 -3.00 -26.41 -11.17
C LYS A 396 -2.14 -27.31 -12.04
N THR A 397 -1.31 -26.70 -12.87
CA THR A 397 -0.38 -27.39 -13.75
C THR A 397 0.68 -28.19 -12.94
N LEU A 398 0.97 -27.72 -11.74
CA LEU A 398 1.86 -28.44 -10.82
C LEU A 398 1.21 -29.72 -10.30
N LEU A 399 0.00 -29.57 -9.78
CA LEU A 399 -0.80 -30.70 -9.35
C LEU A 399 -1.03 -31.63 -10.51
N VAL A 400 -1.42 -31.07 -11.64
CA VAL A 400 -1.52 -31.85 -12.86
C VAL A 400 -0.26 -32.71 -13.03
N HIS A 401 0.90 -32.12 -12.76
CA HIS A 401 2.17 -32.83 -12.87
C HIS A 401 2.42 -33.76 -11.68
N GLN A 402 2.12 -33.27 -10.47
CA GLN A 402 2.31 -34.01 -9.23
C GLN A 402 1.51 -35.29 -9.26
N ALA A 403 0.23 -35.14 -9.59
CA ALA A 403 -0.69 -36.23 -9.74
C ALA A 403 -0.19 -37.23 -10.77
N SER A 404 0.19 -36.69 -11.93
CA SER A 404 0.67 -37.44 -13.10
C SER A 404 1.92 -38.27 -12.83
N GLU A 405 2.94 -37.64 -12.24
CA GLU A 405 4.18 -38.36 -11.92
C GLU A 405 3.90 -39.41 -10.83
N GLY A 406 2.66 -39.42 -10.34
CA GLY A 406 2.16 -40.53 -9.55
C GLY A 406 1.93 -40.29 -8.07
N LEU A 407 2.02 -39.04 -7.65
CA LEU A 407 2.02 -38.72 -6.23
C LEU A 407 0.71 -39.09 -5.53
N PHE A 408 -0.33 -39.45 -6.27
CA PHE A 408 -1.56 -39.92 -5.61
C PHE A 408 -1.92 -41.43 -5.93
N ASP A 409 -1.78 -42.25 -4.89
CA ASP A 409 -1.57 -43.69 -5.03
C ASP A 409 -2.83 -44.50 -4.99
N ASN A 410 -3.92 -43.78 -4.85
CA ASN A 410 -4.79 -44.00 -3.72
C ASN A 410 -4.04 -43.45 -2.48
N ASP A 411 -3.73 -42.15 -2.51
CA ASP A 411 -4.14 -41.24 -1.43
C ASP A 411 -4.92 -40.07 -2.04
N THR A 412 -6.24 -40.16 -1.92
CA THR A 412 -7.15 -39.15 -2.40
C THR A 412 -7.35 -38.05 -1.39
N GLY A 413 -7.27 -38.42 -0.12
CA GLY A 413 -7.51 -37.50 0.96
C GLY A 413 -6.78 -36.20 0.81
N ALA A 414 -5.51 -36.27 0.43
CA ALA A 414 -4.70 -35.07 0.25
C ALA A 414 -5.28 -34.27 -0.87
N LEU A 415 -5.53 -34.97 -1.96
CA LEU A 415 -6.04 -34.41 -3.19
C LEU A 415 -7.42 -33.86 -2.99
N LEU A 416 -8.04 -34.21 -1.87
CA LEU A 416 -9.37 -33.72 -1.62
C LEU A 416 -9.27 -32.32 -1.09
N SER A 417 -8.41 -32.15 -0.11
CA SER A 417 -8.27 -30.89 0.60
C SER A 417 -7.65 -29.78 -0.28
N LEU A 418 -6.84 -30.18 -1.28
CA LEU A 418 -6.24 -29.20 -2.19
C LEU A 418 -7.26 -28.67 -3.14
N GLY A 419 -8.01 -29.58 -3.74
CA GLY A 419 -9.03 -29.21 -4.70
C GLY A 419 -10.05 -28.35 -4.02
N ARG A 420 -10.39 -28.72 -2.80
CA ARG A 420 -11.36 -27.94 -2.08
C ARG A 420 -10.76 -26.57 -1.81
N GLU A 421 -9.50 -26.54 -1.38
CA GLU A 421 -8.82 -25.27 -1.22
C GLU A 421 -8.76 -24.55 -2.53
N MET A 422 -8.32 -25.25 -3.57
CA MET A 422 -8.06 -24.64 -4.86
C MET A 422 -9.32 -24.07 -5.47
N PHE A 423 -10.46 -24.60 -5.05
CA PHE A 423 -11.76 -24.10 -5.50
C PHE A 423 -12.04 -22.78 -4.87
N ARG A 424 -11.72 -22.68 -3.58
CA ARG A 424 -11.86 -21.45 -2.84
C ARG A 424 -11.03 -20.35 -3.49
N LEU A 425 -9.73 -20.61 -3.65
CA LEU A 425 -8.86 -19.70 -4.39
C LEU A 425 -9.49 -19.36 -5.76
N GLU A 426 -10.09 -20.35 -6.41
CA GLU A 426 -10.71 -20.10 -7.70
C GLU A 426 -11.80 -19.04 -7.56
N ILE A 427 -12.74 -19.27 -6.67
CA ILE A 427 -13.90 -18.39 -6.53
C ILE A 427 -13.48 -16.98 -6.15
N LEU A 428 -12.39 -16.87 -5.39
CA LEU A 428 -11.89 -15.57 -4.99
C LEU A 428 -11.36 -14.75 -6.17
N GLU A 429 -10.77 -15.39 -7.18
CA GLU A 429 -10.28 -14.63 -8.33
C GLU A 429 -11.45 -14.10 -9.16
N ASP A 430 -12.59 -14.77 -9.04
CA ASP A 430 -13.82 -14.29 -9.66
C ASP A 430 -14.16 -12.98 -8.99
N ILE A 431 -14.09 -13.02 -7.66
CA ILE A 431 -14.45 -11.88 -6.81
C ILE A 431 -13.57 -10.65 -7.04
N ALA A 432 -12.25 -10.85 -7.01
CA ALA A 432 -11.30 -9.77 -7.28
C ALA A 432 -11.61 -9.11 -8.61
N ARG A 433 -11.73 -9.92 -9.67
CA ARG A 433 -12.06 -9.42 -11.01
C ARG A 433 -13.31 -8.58 -11.01
N ASP A 434 -14.23 -8.92 -10.11
CA ASP A 434 -15.49 -8.23 -10.00
C ASP A 434 -15.39 -6.91 -9.27
N LYS A 435 -14.50 -6.84 -8.29
CA LYS A 435 -14.26 -5.58 -7.59
C LYS A 435 -13.26 -4.68 -8.34
N VAL A 436 -12.33 -5.29 -9.07
CA VAL A 436 -11.20 -4.58 -9.67
C VAL A 436 -11.62 -3.80 -10.91
N ARG A 437 -12.85 -4.00 -11.37
CA ARG A 437 -13.32 -3.22 -12.51
C ARG A 437 -14.11 -2.01 -12.02
N THR A 438 -14.39 -1.97 -10.72
CA THR A 438 -14.91 -0.75 -10.09
C THR A 438 -13.73 0.19 -9.79
N LEU A 439 -12.66 -0.37 -9.21
CA LEU A 439 -11.48 0.39 -8.82
C LEU A 439 -10.46 0.48 -9.94
N HIS A 440 -10.03 1.69 -10.24
CA HIS A 440 -8.98 1.89 -11.23
C HIS A 440 -7.54 2.11 -10.71
N PHE A 441 -7.30 2.12 -9.41
CA PHE A 441 -5.91 2.30 -8.93
C PHE A 441 -5.17 1.02 -8.55
N VAL A 442 -5.82 -0.12 -8.80
CA VAL A 442 -5.43 -1.40 -8.22
C VAL A 442 -5.31 -2.55 -9.24
N ASP A 443 -4.15 -3.21 -9.28
CA ASP A 443 -3.92 -4.38 -10.15
C ASP A 443 -4.91 -5.48 -9.75
N GLU A 444 -5.32 -6.30 -10.70
CA GLU A 444 -6.32 -7.32 -10.38
C GLU A 444 -5.84 -8.23 -9.25
N ILE A 445 -4.55 -8.48 -9.24
CA ILE A 445 -4.01 -9.47 -8.35
C ILE A 445 -3.87 -8.98 -6.92
N GLU A 446 -3.64 -7.69 -6.73
CA GLU A 446 -3.43 -7.21 -5.38
C GLU A 446 -4.74 -7.21 -4.59
N VAL A 447 -5.87 -7.15 -5.30
CA VAL A 447 -7.17 -7.29 -4.66
C VAL A 447 -7.28 -8.70 -4.11
N TYR A 448 -7.02 -9.63 -5.00
CA TYR A 448 -6.98 -11.04 -4.69
C TYR A 448 -5.96 -11.27 -3.58
N LEU A 449 -4.78 -10.68 -3.74
CA LEU A 449 -3.67 -10.95 -2.83
C LEU A 449 -4.07 -10.52 -1.44
N ALA A 450 -5.05 -9.63 -1.37
CA ALA A 450 -5.63 -9.18 -0.11
C ALA A 450 -6.48 -10.26 0.55
N PHE A 451 -7.45 -10.79 -0.21
CA PHE A 451 -8.36 -11.81 0.32
C PHE A 451 -7.66 -13.04 0.84
N GLN A 452 -6.58 -13.43 0.16
CA GLN A 452 -5.94 -14.70 0.44
C GLN A 452 -5.40 -14.68 1.85
N THR A 453 -4.72 -13.61 2.22
CA THR A 453 -4.17 -13.50 3.57
C THR A 453 -5.24 -13.29 4.66
N MET A 454 -6.30 -12.52 4.38
CA MET A 454 -7.35 -12.30 5.39
C MET A 454 -8.23 -13.52 5.65
N LEU A 455 -8.80 -14.07 4.59
CA LEU A 455 -9.70 -15.20 4.71
C LEU A 455 -8.96 -16.47 5.08
N ALA A 456 -7.63 -16.37 5.14
CA ALA A 456 -6.76 -17.49 5.51
C ALA A 456 -7.25 -18.20 6.75
N GLU A 457 -7.72 -17.45 7.72
CA GLU A 457 -8.34 -18.08 8.86
C GLU A 457 -9.71 -18.64 8.50
N LYS A 458 -10.59 -17.80 7.96
CA LYS A 458 -12.01 -18.16 7.85
C LYS A 458 -12.21 -19.46 7.07
N LEU A 459 -11.75 -19.42 5.83
CA LEU A 459 -11.70 -20.54 4.90
C LEU A 459 -10.33 -21.11 5.04
N GLN A 460 -10.20 -22.40 5.33
CA GLN A 460 -8.87 -22.93 5.53
C GLN A 460 -8.00 -22.67 4.31
N LEU A 461 -6.83 -22.05 4.52
CA LEU A 461 -5.87 -21.82 3.42
C LEU A 461 -4.41 -22.12 3.76
N SER A 462 -3.85 -23.17 3.16
CA SER A 462 -2.44 -23.51 3.36
C SER A 462 -1.56 -22.71 2.42
N THR A 463 -2.13 -22.34 1.28
CA THR A 463 -1.40 -21.58 0.27
C THR A 463 -1.38 -20.11 0.68
N ALA A 464 -1.96 -19.84 1.85
CA ALA A 464 -1.88 -18.52 2.46
C ALA A 464 -0.52 -18.27 3.10
N VAL A 465 0.08 -17.14 2.73
CA VAL A 465 1.28 -16.63 3.36
C VAL A 465 0.89 -16.14 4.74
N LYS A 466 -0.42 -16.05 4.89
CA LYS A 466 -1.13 -16.06 6.15
C LYS A 466 -1.14 -14.75 6.87
N GLU A 467 -0.14 -13.90 6.68
CA GLU A 467 -0.16 -12.61 7.38
C GLU A 467 0.49 -11.40 6.68
N MET A 468 -0.32 -10.42 6.28
CA MET A 468 -0.09 -8.96 6.51
C MET A 468 -1.40 -8.18 6.56
N ARG A 469 -1.60 -7.40 7.63
CA ARG A 469 -2.90 -6.79 7.91
C ARG A 469 -3.42 -5.77 6.88
N PHE A 470 -2.85 -4.57 6.86
CA PHE A 470 -3.49 -3.47 6.14
C PHE A 470 -3.01 -3.28 4.71
N TYR A 471 -2.24 -4.23 4.19
CA TYR A 471 -1.82 -4.16 2.79
C TYR A 471 -2.98 -4.71 1.96
N GLY A 472 -4.10 -4.97 2.64
CA GLY A 472 -5.33 -5.46 2.03
C GLY A 472 -6.03 -4.42 1.18
N VAL A 473 -5.28 -3.38 0.85
CA VAL A 473 -5.56 -2.34 -0.16
C VAL A 473 -6.91 -1.59 -0.04
N SER A 474 -7.51 -1.27 -1.18
CA SER A 474 -8.74 -0.47 -1.27
C SER A 474 -9.87 -1.43 -1.56
N GLY A 475 -11.10 -0.94 -1.74
CA GLY A 475 -12.25 -1.82 -1.75
C GLY A 475 -12.26 -2.55 -0.41
N VAL A 476 -12.38 -3.88 -0.44
CA VAL A 476 -12.10 -4.74 0.72
C VAL A 476 -12.75 -4.20 2.00
N THR A 477 -14.05 -3.95 1.92
CA THR A 477 -14.79 -3.50 3.09
C THR A 477 -14.66 -4.55 4.19
N ALA A 478 -14.71 -4.10 5.44
CA ALA A 478 -14.70 -5.00 6.58
C ALA A 478 -15.76 -6.05 6.31
N ASN A 479 -16.91 -5.58 5.83
CA ASN A 479 -18.02 -6.44 5.49
C ASN A 479 -17.80 -7.27 4.23
N ASP A 480 -17.36 -6.62 3.15
CA ASP A 480 -17.16 -7.33 1.90
C ASP A 480 -16.15 -8.45 2.04
N LEU A 481 -15.30 -8.38 3.05
CA LEU A 481 -14.40 -9.47 3.37
C LEU A 481 -15.17 -10.69 3.84
N ARG A 482 -16.16 -10.45 4.68
CA ARG A 482 -17.04 -11.51 5.13
C ARG A 482 -18.30 -11.57 4.25
N THR A 483 -18.37 -10.72 3.22
CA THR A 483 -19.37 -10.90 2.16
C THR A 483 -18.87 -11.93 1.16
N ALA A 484 -17.55 -12.00 1.04
CA ALA A 484 -16.91 -12.98 0.19
C ALA A 484 -16.87 -14.34 0.85
N GLU A 485 -16.47 -14.40 2.12
CA GLU A 485 -16.37 -15.68 2.81
C GLU A 485 -17.69 -16.42 2.64
N ALA A 486 -18.76 -15.68 2.82
CA ALA A 486 -20.09 -16.26 2.73
C ALA A 486 -20.32 -16.78 1.34
N MET A 487 -19.90 -16.00 0.35
CA MET A 487 -20.01 -16.39 -1.04
C MET A 487 -19.38 -17.75 -1.36
N VAL A 488 -18.10 -17.87 -1.06
CA VAL A 488 -17.41 -19.13 -1.20
C VAL A 488 -18.03 -20.20 -0.32
N ARG A 489 -18.50 -19.83 0.86
CA ARG A 489 -19.24 -20.78 1.68
C ARG A 489 -20.45 -21.37 0.91
N SER A 490 -21.04 -20.58 0.01
CA SER A 490 -22.18 -21.02 -0.79
C SER A 490 -21.86 -21.90 -2.01
N ARG A 491 -20.96 -21.45 -2.85
CA ARG A 491 -20.66 -22.17 -4.09
C ARG A 491 -20.09 -23.56 -3.80
N GLU A 492 -19.25 -23.63 -2.77
CA GLU A 492 -18.76 -24.89 -2.24
C GLU A 492 -19.87 -25.91 -2.14
N GLU A 493 -21.07 -25.47 -1.79
CA GLU A 493 -22.09 -26.46 -1.50
C GLU A 493 -22.53 -27.19 -2.76
N ASN A 494 -23.30 -26.59 -3.65
CA ASN A 494 -23.78 -27.44 -4.73
C ASN A 494 -22.68 -27.62 -5.76
N GLU A 495 -21.91 -26.55 -5.93
CA GLU A 495 -21.11 -26.46 -7.12
C GLU A 495 -19.83 -27.24 -7.06
N PHE A 496 -19.38 -27.57 -5.86
CA PHE A 496 -18.05 -28.20 -5.77
C PHE A 496 -17.99 -29.65 -6.20
N THR A 497 -19.04 -30.40 -5.99
CA THR A 497 -18.93 -31.83 -6.26
C THR A 497 -18.76 -31.97 -7.75
N ASP A 498 -19.51 -31.17 -8.50
CA ASP A 498 -19.34 -31.10 -9.94
C ASP A 498 -17.92 -30.62 -10.27
N TRP A 499 -17.35 -29.74 -9.43
CA TRP A 499 -16.02 -29.14 -9.68
C TRP A 499 -14.92 -30.16 -9.76
N PHE A 500 -14.81 -31.01 -8.74
CA PHE A 500 -13.71 -31.95 -8.67
C PHE A 500 -13.65 -32.83 -9.93
N SER A 501 -14.79 -33.38 -10.30
CA SER A 501 -14.91 -34.28 -11.46
C SER A 501 -14.35 -33.74 -12.77
N LEU A 502 -14.32 -32.42 -12.94
CA LEU A 502 -13.70 -31.86 -14.14
C LEU A 502 -12.25 -31.42 -13.92
N TRP A 503 -11.73 -31.60 -12.72
CA TRP A 503 -10.51 -30.92 -12.33
C TRP A 503 -9.26 -31.69 -12.63
N GLY A 504 -8.60 -31.34 -13.74
CA GLY A 504 -7.16 -31.39 -13.81
C GLY A 504 -6.55 -32.67 -13.32
N PRO A 505 -5.85 -32.53 -12.20
CA PRO A 505 -5.20 -33.51 -11.34
C PRO A 505 -6.08 -34.71 -11.06
N TRP A 506 -7.36 -34.46 -10.82
CA TRP A 506 -8.28 -35.53 -10.58
C TRP A 506 -8.23 -36.46 -11.76
N HIS A 507 -8.23 -35.91 -12.96
CA HIS A 507 -8.20 -36.77 -14.11
C HIS A 507 -6.84 -37.46 -14.14
N ALA A 508 -5.77 -36.71 -13.83
CA ALA A 508 -4.40 -37.22 -13.86
C ALA A 508 -4.17 -38.41 -12.95
N VAL A 509 -4.90 -38.42 -11.85
CA VAL A 509 -4.99 -39.57 -10.93
C VAL A 509 -5.84 -40.70 -11.44
N LEU A 510 -6.87 -40.36 -12.20
CA LEU A 510 -7.80 -41.39 -12.65
C LEU A 510 -7.16 -42.25 -13.72
N LYS A 511 -6.50 -41.62 -14.66
CA LYS A 511 -5.92 -42.31 -15.79
C LYS A 511 -4.91 -43.34 -15.25
N ARG A 512 -4.20 -42.98 -14.18
CA ARG A 512 -3.16 -43.82 -13.63
C ARG A 512 -3.73 -45.02 -12.84
N THR A 513 -4.65 -44.75 -11.92
CA THR A 513 -5.20 -45.76 -11.00
C THR A 513 -6.37 -46.60 -11.50
N GLU A 514 -7.36 -45.92 -12.07
CA GLU A 514 -8.48 -46.60 -12.66
C GLU A 514 -8.54 -46.37 -14.16
N ALA A 515 -7.96 -47.27 -14.93
CA ALA A 515 -7.78 -46.94 -16.33
C ALA A 515 -9.03 -47.26 -17.11
N ASP A 516 -9.62 -48.40 -16.77
CA ASP A 516 -10.71 -48.98 -17.54
C ASP A 516 -11.86 -48.04 -17.50
N ARG A 517 -12.32 -47.76 -16.29
CA ARG A 517 -13.44 -46.88 -16.10
C ARG A 517 -13.18 -45.52 -16.73
N TRP A 518 -11.94 -45.04 -16.63
CA TRP A 518 -11.56 -43.82 -17.32
C TRP A 518 -11.85 -44.03 -18.80
N ALA A 519 -11.28 -45.10 -19.34
CA ALA A 519 -11.48 -45.38 -20.74
C ALA A 519 -12.97 -45.43 -21.09
N GLN A 520 -13.77 -46.15 -20.29
CA GLN A 520 -15.20 -46.33 -20.60
C GLN A 520 -15.94 -45.01 -20.56
N ALA A 521 -15.38 -44.05 -19.83
CA ALA A 521 -15.90 -42.70 -19.83
C ALA A 521 -15.79 -42.11 -21.23
N GLU A 522 -14.64 -42.24 -21.91
CA GLU A 522 -14.54 -41.72 -23.28
C GLU A 522 -15.48 -42.50 -24.20
N GLU A 523 -15.56 -43.82 -23.99
CA GLU A 523 -16.36 -44.67 -24.85
C GLU A 523 -17.71 -44.00 -24.87
N GLN A 524 -18.15 -43.58 -23.70
CA GLN A 524 -19.45 -42.93 -23.58
C GLN A 524 -19.48 -41.50 -24.07
N LYS A 525 -18.36 -40.80 -24.03
CA LYS A 525 -18.34 -39.41 -24.48
C LYS A 525 -18.45 -39.44 -25.99
N TYR A 526 -17.80 -40.45 -26.56
CA TYR A 526 -17.87 -40.68 -27.97
C TYR A 526 -19.31 -40.94 -28.35
N GLU A 527 -20.00 -41.76 -27.55
CA GLU A 527 -21.37 -42.15 -27.88
C GLU A 527 -22.26 -40.94 -28.08
N MET A 528 -22.36 -40.07 -27.08
CA MET A 528 -23.24 -38.89 -27.14
C MET A 528 -22.95 -37.99 -28.34
N LEU A 529 -21.66 -37.72 -28.54
CA LEU A 529 -21.19 -36.98 -29.71
C LEU A 529 -21.78 -37.55 -30.99
N GLU A 530 -21.82 -38.88 -31.06
CA GLU A 530 -22.41 -39.53 -32.20
C GLU A 530 -23.93 -39.36 -32.17
N ASN A 531 -24.56 -39.63 -31.02
CA ASN A 531 -25.99 -39.91 -31.03
C ASN A 531 -26.87 -38.69 -30.83
N GLU A 532 -26.96 -38.19 -29.62
CA GLU A 532 -27.92 -37.12 -29.39
C GLU A 532 -27.26 -35.79 -29.62
N TYR A 533 -25.94 -35.77 -29.75
CA TYR A 533 -25.24 -34.50 -29.82
C TYR A 533 -25.85 -33.46 -30.78
N PRO A 534 -25.96 -33.78 -32.10
CA PRO A 534 -26.52 -32.71 -32.92
C PRO A 534 -27.93 -32.37 -32.48
N GLN A 535 -28.71 -33.38 -32.14
CA GLN A 535 -30.04 -33.10 -31.69
C GLN A 535 -30.02 -32.30 -30.38
N ARG A 536 -29.11 -32.67 -29.47
CA ARG A 536 -29.01 -32.00 -28.17
C ARG A 536 -28.80 -30.52 -28.32
N VAL A 537 -28.03 -30.15 -29.34
CA VAL A 537 -27.82 -28.75 -29.71
C VAL A 537 -29.10 -28.11 -30.19
N ALA A 538 -29.72 -28.75 -31.18
CA ALA A 538 -30.92 -28.22 -31.79
C ALA A 538 -31.90 -27.87 -30.69
N ASP A 539 -32.18 -28.86 -29.85
CA ASP A 539 -33.08 -28.71 -28.74
C ASP A 539 -32.73 -27.45 -28.00
N ARG A 540 -31.44 -27.26 -27.78
CA ARG A 540 -30.92 -26.14 -27.00
C ARG A 540 -31.14 -24.79 -27.70
N LEU A 541 -30.95 -24.77 -29.01
CA LEU A 541 -31.08 -23.51 -29.75
C LEU A 541 -32.54 -23.06 -29.90
N LYS A 542 -33.46 -24.01 -30.00
CA LYS A 542 -34.88 -23.67 -30.12
C LYS A 542 -35.29 -22.85 -28.90
N ALA A 543 -34.78 -23.24 -27.73
CA ALA A 543 -35.15 -22.64 -26.46
C ALA A 543 -34.45 -21.33 -26.21
N SER A 544 -33.47 -21.02 -27.03
CA SER A 544 -32.83 -19.71 -26.99
C SER A 544 -33.41 -18.73 -28.01
N GLY A 545 -34.23 -19.22 -28.93
CA GLY A 545 -34.77 -18.38 -30.00
C GLY A 545 -33.66 -17.75 -30.81
N LEU A 546 -32.46 -18.30 -30.63
CA LEU A 546 -31.22 -17.80 -31.20
C LEU A 546 -30.79 -18.53 -32.47
N SER A 547 -31.64 -19.41 -32.97
CA SER A 547 -31.29 -20.28 -34.11
C SER A 547 -30.59 -19.64 -35.34
N GLY A 548 -31.05 -18.47 -35.77
CA GLY A 548 -30.39 -17.76 -36.85
C GLY A 548 -28.89 -17.53 -36.62
N ASP A 549 -28.55 -17.01 -35.43
CA ASP A 549 -27.22 -16.44 -35.18
C ASP A 549 -26.12 -17.41 -35.55
N ALA A 550 -25.22 -16.96 -36.43
CA ALA A 550 -24.02 -17.70 -36.78
C ALA A 550 -23.13 -17.84 -35.56
N ASP A 551 -23.37 -16.95 -34.60
CA ASP A 551 -22.64 -16.86 -33.37
C ASP A 551 -23.15 -17.75 -32.22
N ALA A 552 -24.47 -17.83 -32.07
CA ALA A 552 -25.07 -18.53 -30.93
C ALA A 552 -25.08 -20.02 -31.18
N GLU A 553 -25.04 -20.40 -32.43
CA GLU A 553 -25.06 -21.80 -32.81
C GLU A 553 -23.82 -22.47 -32.24
N ARG A 554 -22.79 -21.66 -32.06
CA ARG A 554 -21.51 -22.16 -31.62
C ARG A 554 -21.46 -22.31 -30.11
N GLU A 555 -22.18 -21.43 -29.43
CA GLU A 555 -22.19 -21.55 -28.00
C GLU A 555 -23.20 -22.62 -27.65
N ALA A 556 -23.97 -23.04 -28.64
CA ALA A 556 -24.93 -24.12 -28.44
C ALA A 556 -24.22 -25.45 -28.19
N GLY A 557 -23.38 -25.86 -29.12
CA GLY A 557 -22.55 -27.03 -28.93
C GLY A 557 -21.74 -26.89 -27.66
N ALA A 558 -21.03 -25.79 -27.55
CA ALA A 558 -20.17 -25.52 -26.40
C ALA A 558 -20.83 -25.80 -25.06
N GLN A 559 -22.10 -25.43 -24.92
CA GLN A 559 -22.84 -25.72 -23.72
C GLN A 559 -23.17 -27.19 -23.61
N VAL A 560 -23.57 -27.81 -24.72
CA VAL A 560 -23.93 -29.23 -24.70
C VAL A 560 -22.69 -30.07 -24.53
N MET A 561 -21.67 -29.77 -25.31
CA MET A 561 -20.43 -30.46 -25.21
C MET A 561 -19.89 -30.32 -23.81
N ARG A 562 -20.13 -29.17 -23.22
CA ARG A 562 -19.67 -28.91 -21.86
C ARG A 562 -20.50 -29.73 -20.90
N GLU A 563 -21.81 -29.57 -20.99
CA GLU A 563 -22.76 -30.23 -20.10
C GLU A 563 -22.53 -31.76 -20.00
N THR A 564 -22.50 -32.45 -21.14
CA THR A 564 -22.38 -33.90 -21.13
C THR A 564 -21.02 -34.33 -20.61
N GLU A 565 -20.04 -33.46 -20.67
CA GLU A 565 -18.74 -33.78 -20.10
C GLU A 565 -18.95 -33.77 -18.60
N GLN A 566 -19.68 -32.77 -18.13
CA GLN A 566 -19.94 -32.61 -16.71
C GLN A 566 -20.70 -33.81 -16.25
N GLN A 567 -21.76 -34.11 -16.98
CA GLN A 567 -22.53 -35.34 -16.77
C GLN A 567 -21.67 -36.62 -16.77
N ILE A 568 -20.86 -36.83 -17.80
CA ILE A 568 -20.13 -38.09 -17.92
C ILE A 568 -19.19 -38.25 -16.74
N TYR A 569 -18.34 -37.25 -16.58
CA TYR A 569 -17.27 -37.33 -15.61
C TYR A 569 -17.75 -37.24 -14.17
N ARG A 570 -19.03 -36.95 -13.93
CA ARG A 570 -19.56 -37.01 -12.55
C ARG A 570 -19.94 -38.43 -12.20
N GLN A 571 -20.55 -39.11 -13.16
CA GLN A 571 -20.78 -40.53 -13.07
C GLN A 571 -19.46 -41.16 -12.69
N LEU A 572 -18.47 -40.90 -13.53
CA LEU A 572 -17.15 -41.47 -13.37
C LEU A 572 -16.52 -41.28 -11.99
N THR A 573 -16.77 -40.14 -11.37
CA THR A 573 -16.21 -39.88 -10.05
C THR A 573 -17.00 -40.50 -8.94
N ASP A 574 -18.31 -40.33 -9.08
CA ASP A 574 -19.31 -40.75 -8.09
C ASP A 574 -19.09 -42.21 -7.77
N GLU A 575 -18.78 -42.96 -8.81
CA GLU A 575 -18.47 -44.35 -8.66
C GLU A 575 -17.13 -44.55 -7.96
N VAL A 576 -16.07 -43.97 -8.51
CA VAL A 576 -14.70 -44.19 -8.03
C VAL A 576 -14.58 -44.10 -6.51
N LEU A 577 -15.31 -43.14 -5.96
CA LEU A 577 -15.44 -43.05 -4.54
C LEU A 577 -16.92 -43.12 -4.13
N ALA A 578 -17.27 -44.23 -3.50
CA ALA A 578 -18.66 -44.54 -3.21
C ALA A 578 -18.76 -45.46 -2.00
N LEU A 579 -19.82 -45.30 -1.20
CA LEU A 579 -19.96 -46.08 0.05
C LEU A 579 -21.00 -47.22 0.28
N ARG A 580 -21.89 -47.55 -0.66
CA ARG A 580 -23.06 -48.31 -0.18
C ARG A 580 -22.92 -49.84 -0.25
N LEU A 581 -22.74 -50.41 0.94
CA LEU A 581 -22.43 -51.83 1.14
C LEU A 581 -23.50 -52.98 1.20
N PRO A 582 -24.47 -52.94 2.14
CA PRO A 582 -25.08 -54.21 2.57
C PRO A 582 -25.76 -55.06 1.48
N GLU A 583 -26.30 -54.43 0.44
CA GLU A 583 -26.98 -55.12 -0.67
C GLU A 583 -28.04 -56.09 -0.15
#